data_4F3R
#
_entry.id   4F3R
#
_cell.length_a   103.965
_cell.length_b   103.965
_cell.length_c   89.862
_cell.angle_alpha   90.00
_cell.angle_beta   90.00
_cell.angle_gamma   120.00
#
_symmetry.space_group_name_H-M   'P 3 2 1'
#
loop_
_entity.id
_entity.type
_entity.pdbx_description
1 polymer 'Phosphopantetheine adenylyltransferase'
2 non-polymer 'CALCIUM ION'
3 water water
#
_entity_poly.entity_id   1
_entity_poly.type   'polypeptide(L)'
_entity_poly.pdbx_seq_one_letter_code
;SNA(MSE)KPIAIYPGTFDPLTNGHVDIIERALPLFNKIIVACAPTSRKDPHLKLEERVNLIADVLTDERVEVLPLTGLL
VDFAKTHQANFILRGLRAVSDFDYEFQLAH(MSE)NYQLSPEIETIFLPAREGYSYVSGT(MSE)VREIVTLGGDVSPFV
PPLVARHLQKRREK
;
_entity_poly.pdbx_strand_id   A,B,C
#
loop_
_chem_comp.id
_chem_comp.type
_chem_comp.name
_chem_comp.formula
CA non-polymer 'CALCIUM ION' 'Ca 2'
#
# COMPACT_ATOMS: atom_id res chain seq x y z
N LYS A 5 4.70 -6.40 23.79
CA LYS A 5 5.94 -6.91 23.12
C LYS A 5 7.06 -5.86 23.13
N PRO A 6 8.32 -6.30 23.13
CA PRO A 6 9.43 -5.36 23.12
C PRO A 6 9.69 -4.76 21.74
N ILE A 7 10.66 -3.85 21.69
CA ILE A 7 11.07 -3.21 20.45
C ILE A 7 12.53 -3.58 20.17
N ALA A 8 12.83 -3.85 18.91
CA ALA A 8 14.18 -4.23 18.51
C ALA A 8 14.76 -3.21 17.55
N ILE A 9 16.09 -3.09 17.59
CA ILE A 9 16.82 -2.33 16.60
C ILE A 9 17.54 -3.32 15.68
N TYR A 10 17.41 -3.13 14.37
CA TYR A 10 18.10 -3.95 13.40
C TYR A 10 19.08 -3.03 12.68
N PRO A 11 20.34 -3.01 13.14
CA PRO A 11 21.32 -2.11 12.56
C PRO A 11 22.06 -2.77 11.43
N GLY A 12 22.59 -1.94 10.53
CA GLY A 12 23.39 -2.42 9.43
C GLY A 12 23.75 -1.25 8.56
N THR A 13 24.55 -1.50 7.52
CA THR A 13 24.84 -0.49 6.51
C THR A 13 23.83 -0.58 5.35
N PHE A 14 23.33 -1.78 5.07
CA PHE A 14 22.32 -2.01 4.05
C PHE A 14 22.73 -1.34 2.76
N ASP A 15 23.91 -1.72 2.29
CA ASP A 15 24.59 -1.07 1.21
C ASP A 15 25.08 -2.13 0.26
N PRO A 16 24.16 -2.77 -0.48
CA PRO A 16 22.73 -2.56 -0.57
C PRO A 16 21.93 -3.46 0.36
N LEU A 17 20.65 -3.13 0.52
CA LEU A 17 19.69 -4.02 1.15
C LEU A 17 19.52 -5.26 0.30
N THR A 18 19.64 -6.43 0.93
CA THR A 18 19.55 -7.72 0.26
C THR A 18 18.28 -8.42 0.69
N ASN A 19 17.96 -9.47 -0.03
CA ASN A 19 16.85 -10.34 0.33
C ASN A 19 17.06 -10.95 1.71
N GLY A 20 18.32 -11.17 2.06
CA GLY A 20 18.68 -11.73 3.35
C GLY A 20 18.34 -10.82 4.50
N HIS A 21 18.56 -9.51 4.33
CA HIS A 21 18.16 -8.53 5.35
C HIS A 21 16.65 -8.52 5.55
N VAL A 22 15.91 -8.51 4.45
CA VAL A 22 14.47 -8.51 4.52
C VAL A 22 13.97 -9.76 5.23
N ASP A 23 14.58 -10.90 4.92
CA ASP A 23 14.16 -12.17 5.49
C ASP A 23 14.33 -12.19 7.00
N ILE A 24 15.43 -11.61 7.49
CA ILE A 24 15.70 -11.58 8.91
C ILE A 24 14.64 -10.74 9.61
N ILE A 25 14.31 -9.59 9.03
CA ILE A 25 13.29 -8.70 9.58
C ILE A 25 11.93 -9.39 9.63
N GLU A 26 11.52 -10.02 8.55
CA GLU A 26 10.21 -10.65 8.47
C GLU A 26 10.09 -11.77 9.48
N ARG A 27 11.16 -12.54 9.61
CA ARG A 27 11.19 -13.65 10.54
C ARG A 27 11.19 -13.21 12.00
N ALA A 28 11.69 -12.01 12.29
CA ALA A 28 11.80 -11.54 13.68
C ALA A 28 10.57 -10.80 14.15
N LEU A 29 9.78 -10.30 13.20
CA LEU A 29 8.65 -9.43 13.51
C LEU A 29 7.67 -10.01 14.54
N PRO A 30 7.38 -11.31 14.47
CA PRO A 30 6.40 -11.83 15.45
C PRO A 30 6.82 -11.67 16.92
N LEU A 31 8.08 -11.41 17.18
CA LEU A 31 8.59 -11.26 18.54
C LEU A 31 8.52 -9.83 19.07
N PHE A 32 8.32 -8.85 18.18
CA PHE A 32 8.49 -7.45 18.55
C PHE A 32 7.29 -6.60 18.18
N ASN A 33 7.01 -5.61 19.00
CA ASN A 33 5.96 -4.65 18.66
C ASN A 33 6.39 -3.82 17.47
N LYS A 34 7.68 -3.55 17.39
CA LYS A 34 8.24 -2.72 16.34
C LYS A 34 9.68 -3.14 16.12
N ILE A 35 10.12 -3.07 14.86
CA ILE A 35 11.54 -3.18 14.52
C ILE A 35 12.01 -1.89 13.85
N ILE A 36 13.06 -1.28 14.40
CA ILE A 36 13.61 -0.07 13.86
C ILE A 36 14.87 -0.45 13.10
N VAL A 37 14.86 -0.24 11.78
CA VAL A 37 16.00 -0.59 10.97
C VAL A 37 16.92 0.62 10.96
N ALA A 38 18.10 0.46 11.57
CA ALA A 38 19.01 1.58 11.79
C ALA A 38 20.13 1.49 10.77
N CYS A 39 20.21 2.49 9.89
CA CYS A 39 21.17 2.47 8.79
CA CYS A 39 21.17 2.50 8.79
C CYS A 39 22.41 3.30 9.19
N ALA A 40 23.53 2.62 9.34
CA ALA A 40 24.80 3.25 9.68
C ALA A 40 25.45 3.83 8.43
N PRO A 41 26.27 4.86 8.56
CA PRO A 41 26.99 5.36 7.40
C PRO A 41 28.13 4.40 6.99
N THR A 42 28.58 4.51 5.75
CA THR A 42 29.72 3.73 5.27
C THR A 42 31.00 4.59 5.32
N LEU A 49 23.66 5.60 -3.26
CA LEU A 49 24.77 5.28 -2.35
C LEU A 49 24.62 6.05 -1.05
N LYS A 50 24.23 7.32 -1.16
CA LYS A 50 24.12 8.24 -0.02
C LYS A 50 23.21 7.68 1.08
N LEU A 51 23.54 7.96 2.34
CA LEU A 51 22.74 7.52 3.49
C LEU A 51 21.24 7.78 3.35
N GLU A 52 20.86 9.01 3.03
CA GLU A 52 19.44 9.36 2.94
C GLU A 52 18.73 8.59 1.81
N GLU A 53 19.42 8.45 0.68
CA GLU A 53 18.92 7.63 -0.43
C GLU A 53 18.71 6.20 0.03
N ARG A 54 19.66 5.67 0.80
CA ARG A 54 19.57 4.28 1.25
C ARG A 54 18.42 4.07 2.22
N VAL A 55 18.25 5.02 3.13
CA VAL A 55 17.14 5.00 4.10
C VAL A 55 15.79 5.08 3.39
N ASN A 56 15.68 5.94 2.39
CA ASN A 56 14.45 6.03 1.57
C ASN A 56 14.15 4.69 0.89
N LEU A 57 15.18 4.08 0.31
CA LEU A 57 15.05 2.85 -0.45
C LEU A 57 14.58 1.72 0.43
N ILE A 58 15.15 1.63 1.62
CA ILE A 58 14.72 0.64 2.58
C ILE A 58 13.27 0.87 3.00
N ALA A 59 12.91 2.11 3.30
CA ALA A 59 11.54 2.41 3.71
C ALA A 59 10.52 2.01 2.63
N ASP A 60 10.87 2.16 1.36
CA ASP A 60 9.96 1.80 0.27
C ASP A 60 9.79 0.28 0.15
N VAL A 61 10.85 -0.47 0.46
CA VAL A 61 10.79 -1.93 0.38
C VAL A 61 10.01 -2.51 1.57
N LEU A 62 10.25 -1.98 2.76
CA LEU A 62 9.72 -2.56 3.97
C LEU A 62 8.42 -1.90 4.37
N THR A 63 7.32 -2.39 3.81
CA THR A 63 5.99 -1.80 3.98
C THR A 63 5.23 -2.21 5.23
N ASP A 64 5.69 -3.22 5.96
CA ASP A 64 5.02 -3.62 7.21
C ASP A 64 5.02 -2.48 8.23
N GLU A 65 3.83 -2.17 8.77
CA GLU A 65 3.65 -1.01 9.66
C GLU A 65 4.48 -1.10 10.95
N ARG A 66 4.90 -2.31 11.32
CA ARG A 66 5.76 -2.49 12.49
C ARG A 66 7.23 -2.15 12.23
N VAL A 67 7.57 -1.78 11.00
CA VAL A 67 8.94 -1.43 10.66
C VAL A 67 9.10 0.08 10.46
N GLU A 68 10.09 0.66 11.12
CA GLU A 68 10.49 2.06 10.95
C GLU A 68 11.96 2.05 10.48
N VAL A 69 12.29 2.84 9.47
CA VAL A 69 13.67 2.97 9.00
C VAL A 69 14.20 4.33 9.43
N LEU A 70 15.37 4.35 10.06
CA LEU A 70 16.01 5.59 10.46
C LEU A 70 17.53 5.52 10.28
N PRO A 71 18.18 6.70 10.16
CA PRO A 71 19.65 6.70 10.15
C PRO A 71 20.22 6.49 11.55
N LEU A 72 21.24 5.64 11.66
CA LEU A 72 21.91 5.41 12.94
C LEU A 72 22.96 6.47 13.19
N THR A 73 22.74 7.28 14.23
CA THR A 73 23.76 8.18 14.76
C THR A 73 24.17 7.73 16.15
N GLY A 74 25.44 7.96 16.48
CA GLY A 74 25.96 7.67 17.82
C GLY A 74 26.12 6.20 18.10
N LEU A 75 26.33 5.85 19.37
CA LEU A 75 26.38 4.46 19.80
C LEU A 75 25.05 3.80 19.57
N LEU A 76 25.10 2.52 19.23
CA LEU A 76 23.90 1.74 18.98
C LEU A 76 23.09 1.61 20.25
N VAL A 77 23.74 1.38 21.39
CA VAL A 77 23.02 1.19 22.64
C VAL A 77 22.34 2.48 23.08
N ASP A 78 22.93 3.62 22.76
CA ASP A 78 22.29 4.92 23.03
C ASP A 78 21.08 5.11 22.13
N PHE A 79 21.22 4.74 20.86
CA PHE A 79 20.13 4.84 19.90
C PHE A 79 18.98 3.97 20.36
N ALA A 80 19.30 2.74 20.77
CA ALA A 80 18.32 1.81 21.31
C ALA A 80 17.57 2.40 22.50
N LYS A 81 18.30 2.99 23.45
CA LYS A 81 17.67 3.62 24.61
C LYS A 81 16.70 4.71 24.20
N THR A 82 17.16 5.60 23.33
CA THR A 82 16.37 6.72 22.82
C THR A 82 15.07 6.27 22.18
N HIS A 83 15.12 5.14 21.49
CA HIS A 83 13.95 4.63 20.77
C HIS A 83 13.23 3.51 21.54
N GLN A 84 13.47 3.46 22.85
CA GLN A 84 12.78 2.55 23.75
C GLN A 84 12.90 1.09 23.31
N ALA A 85 14.06 0.75 22.78
CA ALA A 85 14.33 -0.60 22.27
C ALA A 85 15.22 -1.30 23.26
N ASN A 86 14.81 -2.45 23.78
CA ASN A 86 15.71 -3.24 24.62
C ASN A 86 16.28 -4.52 23.96
N PHE A 87 16.15 -4.61 22.64
CA PHE A 87 16.73 -5.70 21.88
C PHE A 87 17.44 -5.21 20.61
N ILE A 88 18.57 -5.84 20.33
CA ILE A 88 19.31 -5.65 19.09
C ILE A 88 19.16 -6.94 18.29
N LEU A 89 18.64 -6.82 17.08
CA LEU A 89 18.46 -7.95 16.19
C LEU A 89 19.67 -8.02 15.27
N ARG A 90 20.30 -9.20 15.19
CA ARG A 90 21.37 -9.45 14.23
C ARG A 90 21.10 -10.77 13.51
N GLY A 91 21.50 -10.85 12.24
CA GLY A 91 21.48 -12.10 11.50
C GLY A 91 22.87 -12.70 11.49
N LEU A 92 22.97 -14.01 11.43
CA LEU A 92 24.25 -14.70 11.35
C LEU A 92 24.28 -15.56 10.10
N ARG A 93 25.25 -15.31 9.23
CA ARG A 93 25.41 -16.03 7.96
C ARG A 93 26.43 -17.15 8.03
N ALA A 94 27.48 -16.96 8.81
CA ALA A 94 28.59 -17.91 8.83
C ALA A 94 29.37 -17.84 10.13
N VAL A 95 30.21 -18.84 10.34
CA VAL A 95 31.11 -18.88 11.49
C VAL A 95 31.95 -17.60 11.64
N SER A 96 32.34 -17.00 10.53
CA SER A 96 33.13 -15.77 10.55
C SER A 96 32.32 -14.59 11.10
N ASP A 97 31.03 -14.52 10.78
CA ASP A 97 30.13 -13.55 11.41
C ASP A 97 30.14 -13.72 12.91
N PHE A 98 29.93 -14.96 13.36
CA PHE A 98 29.61 -15.22 14.75
C PHE A 98 30.67 -14.65 15.67
N ASP A 99 31.92 -14.79 15.31
CA ASP A 99 33.00 -14.37 16.19
C ASP A 99 32.91 -12.87 16.47
N TYR A 100 32.71 -12.08 15.42
CA TYR A 100 32.61 -10.63 15.54
C TYR A 100 31.33 -10.17 16.25
N GLU A 101 30.20 -10.80 15.93
CA GLU A 101 28.95 -10.45 16.57
C GLU A 101 28.93 -10.83 18.05
N PHE A 102 29.61 -11.91 18.39
CA PHE A 102 29.69 -12.39 19.76
C PHE A 102 30.46 -11.36 20.58
N GLN A 103 31.53 -10.82 20.01
CA GLN A 103 32.35 -9.83 20.66
C GLN A 103 31.60 -8.50 20.81
N LEU A 104 30.89 -8.11 19.75
CA LEU A 104 30.08 -6.91 19.78
C LEU A 104 28.90 -7.00 20.78
N ALA A 105 28.26 -8.16 20.85
CA ALA A 105 27.17 -8.36 21.79
C ALA A 105 27.69 -8.15 23.21
N HIS A 106 28.84 -8.73 23.52
CA HIS A 106 29.47 -8.58 24.82
C HIS A 106 29.81 -7.13 25.13
N MSE A 107 30.43 -6.46 24.16
CA MSE A 107 30.81 -5.06 24.31
C MSE A 107 29.57 -4.22 24.62
O MSE A 107 29.57 -3.42 25.55
CB MSE A 107 31.51 -4.53 23.06
CG MSE A 107 31.81 -3.05 23.10
SE MSE A 107 32.71 -2.53 24.77
CE MSE A 107 34.61 -2.72 24.30
N ASN A 108 28.52 -4.43 23.85
CA ASN A 108 27.26 -3.68 24.04
C ASN A 108 26.58 -4.01 25.35
N TYR A 109 26.78 -5.22 25.85
CA TYR A 109 26.25 -5.62 27.14
C TYR A 109 26.94 -4.83 28.24
N GLN A 110 28.27 -4.73 28.17
CA GLN A 110 29.01 -3.94 29.15
C GLN A 110 28.64 -2.46 29.03
N LEU A 111 28.50 -1.95 27.81
CA LEU A 111 28.09 -0.56 27.60
C LEU A 111 26.69 -0.28 28.14
N SER A 112 25.79 -1.24 28.02
CA SER A 112 24.42 -1.06 28.46
C SER A 112 23.74 -2.41 28.71
N PRO A 113 23.82 -2.92 29.96
CA PRO A 113 23.32 -4.27 30.29
C PRO A 113 21.80 -4.46 30.15
N GLU A 114 21.04 -3.37 30.03
CA GLU A 114 19.60 -3.45 29.83
C GLU A 114 19.24 -3.91 28.42
N ILE A 115 20.14 -3.75 27.44
CA ILE A 115 19.87 -4.18 26.07
C ILE A 115 20.36 -5.62 25.84
N GLU A 116 19.54 -6.42 25.18
CA GLU A 116 19.85 -7.80 24.87
C GLU A 116 20.08 -7.96 23.37
N THR A 117 21.03 -8.80 22.98
CA THR A 117 21.25 -9.09 21.55
C THR A 117 20.70 -10.46 21.21
N ILE A 118 19.92 -10.57 20.15
CA ILE A 118 19.46 -11.87 19.69
C ILE A 118 19.89 -12.10 18.26
N PHE A 119 20.08 -13.36 17.91
CA PHE A 119 20.47 -13.75 16.57
C PHE A 119 19.44 -14.65 15.92
N LEU A 120 19.20 -14.41 14.64
CA LEU A 120 18.50 -15.35 13.80
C LEU A 120 19.50 -15.88 12.78
N PRO A 121 19.49 -17.19 12.53
CA PRO A 121 20.36 -17.72 11.49
C PRO A 121 19.84 -17.34 10.10
N ALA A 122 20.74 -16.94 9.20
CA ALA A 122 20.41 -16.81 7.78
C ALA A 122 19.89 -18.14 7.30
N ARG A 123 18.86 -18.11 6.47
CA ARG A 123 18.30 -19.34 5.95
C ARG A 123 19.06 -19.79 4.74
N GLU A 124 18.77 -21.04 4.36
CA GLU A 124 18.81 -21.49 2.96
C GLU A 124 19.81 -20.75 2.08
N GLY A 125 19.31 -20.10 1.03
CA GLY A 125 20.15 -19.50 0.01
C GLY A 125 20.41 -18.03 0.28
N TYR A 126 20.51 -17.66 1.55
CA TYR A 126 20.88 -16.30 1.94
C TYR A 126 22.23 -16.23 2.64
N SER A 127 22.80 -17.38 2.97
CA SER A 127 23.99 -17.42 3.81
C SER A 127 25.22 -16.83 3.10
N TYR A 128 25.32 -17.06 1.79
CA TYR A 128 26.46 -16.57 1.00
C TYR A 128 26.27 -15.13 0.52
N VAL A 129 25.04 -14.62 0.60
CA VAL A 129 24.73 -13.31 0.05
C VAL A 129 25.04 -12.21 1.04
N SER A 130 26.23 -11.63 0.92
CA SER A 130 26.69 -10.55 1.79
C SER A 130 26.82 -9.23 1.04
N GLY A 131 26.70 -8.13 1.78
CA GLY A 131 26.77 -6.79 1.22
C GLY A 131 28.02 -6.50 0.40
N THR A 132 29.19 -6.82 0.96
CA THR A 132 30.45 -6.59 0.26
C THR A 132 30.59 -7.48 -0.97
N MSE A 133 29.99 -8.67 -0.89
CA MSE A 133 29.95 -9.63 -2.00
C MSE A 133 29.10 -9.03 -3.13
O MSE A 133 29.59 -8.81 -4.24
CB MSE A 133 29.35 -10.96 -1.49
CG MSE A 133 29.28 -12.12 -2.46
SE MSE A 133 30.74 -13.39 -2.16
CE MSE A 133 32.01 -12.52 -3.35
N VAL A 134 27.85 -8.72 -2.82
CA VAL A 134 26.93 -8.11 -3.78
C VAL A 134 27.47 -6.79 -4.36
N ARG A 135 28.07 -5.98 -3.52
CA ARG A 135 28.68 -4.72 -3.96
C ARG A 135 29.85 -4.95 -4.93
N GLU A 136 30.63 -6.01 -4.70
CA GLU A 136 31.70 -6.37 -5.63
C GLU A 136 31.11 -6.70 -7.00
N ILE A 137 29.99 -7.43 -7.00
CA ILE A 137 29.29 -7.79 -8.25
C ILE A 137 28.80 -6.57 -9.02
N VAL A 138 28.16 -5.64 -8.31
CA VAL A 138 27.67 -4.40 -8.93
C VAL A 138 28.79 -3.62 -9.63
N THR A 139 29.89 -3.37 -8.91
CA THR A 139 31.07 -2.70 -9.46
C THR A 139 31.59 -3.32 -10.76
N LEU A 140 31.53 -4.64 -10.86
CA LEU A 140 32.04 -5.35 -12.05
C LEU A 140 30.99 -5.47 -13.16
N GLY A 141 29.78 -4.96 -12.91
CA GLY A 141 28.70 -4.95 -13.91
C GLY A 141 27.89 -6.23 -14.00
N GLY A 142 27.74 -6.93 -12.87
CA GLY A 142 26.97 -8.17 -12.84
C GLY A 142 25.51 -7.92 -12.48
N ASP A 143 24.65 -8.89 -12.78
CA ASP A 143 23.24 -8.80 -12.41
C ASP A 143 23.08 -9.25 -10.98
N VAL A 144 22.64 -8.33 -10.15
CA VAL A 144 22.51 -8.56 -8.74
C VAL A 144 21.04 -8.69 -8.34
N SER A 145 20.14 -8.74 -9.34
CA SER A 145 18.70 -8.73 -9.07
C SER A 145 18.16 -10.01 -8.39
N PRO A 146 18.86 -11.14 -8.50
CA PRO A 146 18.40 -12.30 -7.73
C PRO A 146 18.56 -12.14 -6.21
N PHE A 147 19.38 -11.19 -5.78
CA PHE A 147 19.85 -11.11 -4.40
C PHE A 147 19.24 -9.97 -3.61
N VAL A 148 18.63 -9.01 -4.31
CA VAL A 148 18.05 -7.84 -3.68
C VAL A 148 16.58 -7.67 -4.09
N PRO A 149 15.80 -6.94 -3.27
CA PRO A 149 14.44 -6.55 -3.65
C PRO A 149 14.38 -5.81 -5.00
N PRO A 150 13.28 -6.02 -5.76
CA PRO A 150 13.15 -5.40 -7.06
C PRO A 150 13.45 -3.91 -7.07
N LEU A 151 12.91 -3.18 -6.10
CA LEU A 151 13.15 -1.74 -5.98
C LEU A 151 14.63 -1.40 -5.93
N VAL A 152 15.39 -2.21 -5.18
CA VAL A 152 16.83 -2.01 -5.04
C VAL A 152 17.54 -2.31 -6.36
N ALA A 153 17.14 -3.38 -7.03
CA ALA A 153 17.72 -3.73 -8.32
C ALA A 153 17.53 -2.57 -9.30
N ARG A 154 16.30 -2.08 -9.41
CA ARG A 154 15.99 -0.92 -10.26
C ARG A 154 16.89 0.26 -9.94
N HIS A 155 17.03 0.54 -8.66
CA HIS A 155 17.85 1.66 -8.21
C HIS A 155 19.34 1.45 -8.55
N LEU A 156 19.82 0.21 -8.51
CA LEU A 156 21.19 -0.12 -8.88
C LEU A 156 21.30 -0.30 -10.38
N MSE B 4 16.37 18.54 -10.74
CA MSE B 4 15.28 17.64 -10.24
C MSE B 4 14.37 18.37 -9.24
O MSE B 4 14.82 19.10 -8.35
CB MSE B 4 15.87 16.40 -9.57
CG MSE B 4 14.85 15.28 -9.28
SE MSE B 4 15.62 13.71 -8.35
CE MSE B 4 17.20 13.40 -9.49
N LYS B 5 13.06 18.15 -9.40
CA LYS B 5 12.09 18.76 -8.52
C LYS B 5 12.12 18.10 -7.13
N PRO B 6 11.80 18.88 -6.09
CA PRO B 6 11.74 18.29 -4.76
C PRO B 6 10.53 17.38 -4.57
N ILE B 7 10.44 16.82 -3.36
CA ILE B 7 9.38 15.90 -3.00
C ILE B 7 8.60 16.51 -1.86
N ALA B 8 7.28 16.39 -1.90
CA ALA B 8 6.44 16.91 -0.85
C ALA B 8 5.67 15.80 -0.12
N ILE B 9 5.45 16.00 1.18
CA ILE B 9 4.52 15.21 1.95
C ILE B 9 3.22 15.98 2.11
N TYR B 10 2.11 15.32 1.88
CA TYR B 10 0.80 15.91 2.07
C TYR B 10 0.08 15.13 3.16
N PRO B 11 0.23 15.56 4.43
CA PRO B 11 -0.33 14.81 5.54
C PRO B 11 -1.77 15.16 5.83
N GLY B 12 -2.51 14.19 6.33
CA GLY B 12 -3.87 14.44 6.80
C GLY B 12 -4.44 13.18 7.37
N THR B 13 -5.66 13.27 7.88
CA THR B 13 -6.38 12.07 8.30
C THR B 13 -7.26 11.57 7.17
N PHE B 14 -7.67 12.47 6.27
CA PHE B 14 -8.45 12.10 5.08
C PHE B 14 -9.61 11.19 5.41
N ASP B 15 -10.40 11.58 6.40
CA ASP B 15 -11.50 10.77 6.93
C ASP B 15 -12.80 11.57 6.83
N PRO B 16 -13.32 11.73 5.61
CA PRO B 16 -12.93 11.13 4.33
C PRO B 16 -12.09 12.06 3.44
N LEU B 17 -11.49 11.46 2.41
CA LEU B 17 -10.88 12.21 1.32
C LEU B 17 -11.97 12.94 0.56
N THR B 18 -11.76 14.25 0.33
CA THR B 18 -12.73 15.11 -0.33
C THR B 18 -12.17 15.59 -1.65
N ASN B 19 -13.03 16.17 -2.48
CA ASN B 19 -12.61 16.78 -3.72
C ASN B 19 -11.62 17.93 -3.48
N GLY B 20 -11.73 18.58 -2.33
CA GLY B 20 -10.80 19.64 -1.93
C GLY B 20 -9.39 19.13 -1.75
N HIS B 21 -9.24 17.97 -1.11
CA HIS B 21 -7.93 17.33 -0.96
C HIS B 21 -7.33 16.97 -2.32
N VAL B 22 -8.12 16.35 -3.17
CA VAL B 22 -7.66 15.97 -4.50
C VAL B 22 -7.22 17.20 -5.27
N ASP B 23 -8.00 18.28 -5.17
CA ASP B 23 -7.71 19.51 -5.90
C ASP B 23 -6.33 20.05 -5.50
N ILE B 24 -6.04 20.04 -4.21
CA ILE B 24 -4.78 20.55 -3.69
C ILE B 24 -3.61 19.74 -4.24
N ILE B 25 -3.74 18.43 -4.26
CA ILE B 25 -2.71 17.55 -4.81
C ILE B 25 -2.46 17.88 -6.28
N GLU B 26 -3.53 17.94 -7.08
CA GLU B 26 -3.41 18.19 -8.50
C GLU B 26 -2.74 19.53 -8.76
N ARG B 27 -3.09 20.53 -7.96
CA ARG B 27 -2.56 21.87 -8.18
C ARG B 27 -1.09 21.97 -7.74
N ALA B 28 -0.68 21.15 -6.81
CA ALA B 28 0.69 21.18 -6.28
C ALA B 28 1.66 20.38 -7.13
N LEU B 29 1.13 19.44 -7.91
CA LEU B 29 1.94 18.45 -8.62
C LEU B 29 3.00 19.03 -9.54
N PRO B 30 2.72 20.16 -10.21
CA PRO B 30 3.75 20.71 -11.06
C PRO B 30 5.00 21.21 -10.32
N LEU B 31 4.92 21.39 -9.00
CA LEU B 31 6.08 21.82 -8.24
C LEU B 31 6.96 20.65 -7.77
N PHE B 32 6.44 19.44 -7.83
CA PHE B 32 7.09 18.31 -7.18
C PHE B 32 7.30 17.12 -8.09
N ASN B 33 8.43 16.45 -7.90
CA ASN B 33 8.71 15.20 -8.58
C ASN B 33 7.70 14.16 -8.11
N LYS B 34 7.35 14.22 -6.84
CA LYS B 34 6.47 13.24 -6.22
C LYS B 34 5.78 13.90 -5.06
N ILE B 35 4.52 13.53 -4.83
CA ILE B 35 3.80 13.93 -3.64
C ILE B 35 3.43 12.66 -2.88
N ILE B 36 3.84 12.58 -1.63
CA ILE B 36 3.47 11.47 -0.79
C ILE B 36 2.31 11.88 0.08
N VAL B 37 1.16 11.24 -0.10
CA VAL B 37 0.01 11.49 0.74
C VAL B 37 0.15 10.61 1.96
N ALA B 38 0.23 11.22 3.13
CA ALA B 38 0.60 10.55 4.34
C ALA B 38 -0.61 10.51 5.25
N CYS B 39 -1.18 9.33 5.46
CA CYS B 39 -2.46 9.21 6.17
CA CYS B 39 -2.45 9.20 6.18
C CYS B 39 -2.23 8.90 7.64
N ALA B 40 -2.65 9.82 8.52
CA ALA B 40 -2.55 9.64 9.97
C ALA B 40 -3.82 8.97 10.51
N PRO B 41 -3.72 8.24 11.64
CA PRO B 41 -4.94 7.74 12.27
C PRO B 41 -5.83 8.87 12.76
N THR B 42 -7.15 8.66 12.78
CA THR B 42 -8.09 9.69 13.23
C THR B 42 -8.03 9.92 14.75
N LEU B 49 -12.48 2.82 6.66
CA LEU B 49 -12.73 3.06 8.09
C LEU B 49 -11.39 3.03 8.86
N LYS B 50 -10.79 1.84 9.05
CA LYS B 50 -9.46 1.72 9.67
C LYS B 50 -8.37 2.22 8.72
N LEU B 51 -7.19 2.47 9.28
CA LEU B 51 -6.15 3.21 8.57
C LEU B 51 -5.70 2.55 7.28
N GLU B 52 -5.40 1.26 7.34
CA GLU B 52 -4.92 0.52 6.15
C GLU B 52 -5.92 0.56 5.00
N GLU B 53 -7.19 0.37 5.33
CA GLU B 53 -8.29 0.46 4.36
C GLU B 53 -8.41 1.86 3.78
N ARG B 54 -8.20 2.87 4.61
CA ARG B 54 -8.33 4.24 4.15
C ARG B 54 -7.16 4.60 3.21
N VAL B 55 -5.97 4.09 3.53
CA VAL B 55 -4.83 4.26 2.65
C VAL B 55 -5.13 3.63 1.28
N ASN B 56 -5.61 2.41 1.29
CA ASN B 56 -5.92 1.72 0.06
C ASN B 56 -6.93 2.48 -0.77
N LEU B 57 -7.97 2.99 -0.12
CA LEU B 57 -8.99 3.77 -0.82
C LEU B 57 -8.40 5.00 -1.48
N ILE B 58 -7.61 5.73 -0.73
CA ILE B 58 -7.01 6.94 -1.26
C ILE B 58 -6.11 6.58 -2.43
N ALA B 59 -5.27 5.55 -2.27
CA ALA B 59 -4.39 5.09 -3.34
C ALA B 59 -5.19 4.70 -4.58
N ASP B 60 -6.36 4.10 -4.39
CA ASP B 60 -7.20 3.67 -5.51
C ASP B 60 -7.79 4.88 -6.26
N VAL B 61 -8.07 5.96 -5.53
CA VAL B 61 -8.64 7.18 -6.09
C VAL B 61 -7.58 7.99 -6.84
N LEU B 62 -6.43 8.18 -6.21
CA LEU B 62 -5.37 9.00 -6.79
C LEU B 62 -4.58 8.16 -7.81
N THR B 63 -4.82 8.38 -9.10
CA THR B 63 -4.22 7.55 -10.15
C THR B 63 -2.92 8.11 -10.74
N ASP B 64 -2.63 9.39 -10.55
CA ASP B 64 -1.37 9.97 -11.07
C ASP B 64 -0.17 9.21 -10.52
N GLU B 65 0.77 8.86 -11.39
CA GLU B 65 1.96 8.06 -10.99
C GLU B 65 2.96 8.81 -10.11
N ARG B 66 2.86 10.13 -10.03
CA ARG B 66 3.67 10.91 -9.11
C ARG B 66 3.14 10.93 -7.67
N VAL B 67 1.98 10.30 -7.43
CA VAL B 67 1.34 10.35 -6.12
C VAL B 67 1.43 8.98 -5.45
N GLU B 68 2.03 8.94 -4.27
CA GLU B 68 2.19 7.71 -3.52
C GLU B 68 1.39 7.91 -2.22
N VAL B 69 0.68 6.89 -1.78
CA VAL B 69 -0.13 7.00 -0.57
C VAL B 69 0.44 6.03 0.46
N LEU B 70 0.77 6.55 1.64
CA LEU B 70 1.38 5.77 2.71
C LEU B 70 0.73 6.07 4.06
N PRO B 71 0.75 5.11 5.01
CA PRO B 71 0.32 5.42 6.37
C PRO B 71 1.35 6.27 7.08
N LEU B 72 0.90 7.27 7.85
CA LEU B 72 1.83 8.18 8.50
C LEU B 72 2.25 7.60 9.83
N THR B 73 3.58 7.44 9.94
CA THR B 73 4.23 6.74 11.02
C THR B 73 4.09 7.46 12.37
N GLY B 74 5.14 8.17 12.74
CA GLY B 74 5.22 8.88 13.99
C GLY B 74 5.24 10.34 13.61
N LEU B 75 6.36 11.00 13.89
CA LEU B 75 6.51 12.42 13.60
C LEU B 75 6.48 12.65 12.10
N LEU B 76 5.78 13.70 11.71
CA LEU B 76 5.74 14.10 10.36
C LEU B 76 7.13 14.39 9.82
N VAL B 77 7.95 15.13 10.58
CA VAL B 77 9.25 15.56 10.07
C VAL B 77 10.22 14.40 9.89
N ASP B 78 10.08 13.37 10.73
CA ASP B 78 10.84 12.11 10.59
C ASP B 78 10.45 11.35 9.31
N PHE B 79 9.15 11.27 9.07
CA PHE B 79 8.61 10.64 7.89
C PHE B 79 9.09 11.37 6.63
N ALA B 80 9.05 12.70 6.67
CA ALA B 80 9.50 13.50 5.56
C ALA B 80 10.95 13.22 5.24
N LYS B 81 11.78 13.16 6.26
CA LYS B 81 13.21 13.00 6.09
C LYS B 81 13.51 11.60 5.53
N THR B 82 12.79 10.61 6.03
CA THR B 82 12.93 9.23 5.58
C THR B 82 12.61 9.13 4.07
N HIS B 83 11.62 9.88 3.63
CA HIS B 83 11.20 9.82 2.23
C HIS B 83 11.79 10.94 1.39
N GLN B 84 12.84 11.59 1.91
CA GLN B 84 13.57 12.64 1.21
C GLN B 84 12.69 13.79 0.74
N ALA B 85 11.67 14.10 1.52
CA ALA B 85 10.75 15.18 1.23
C ALA B 85 11.20 16.43 1.97
N ASN B 86 11.60 17.46 1.21
CA ASN B 86 11.99 18.74 1.79
C ASN B 86 10.77 19.68 2.05
N PHE B 87 9.59 19.28 1.64
CA PHE B 87 8.40 20.16 1.74
C PHE B 87 7.23 19.45 2.36
N ILE B 88 6.52 20.14 3.24
CA ILE B 88 5.21 19.72 3.71
C ILE B 88 4.18 20.60 3.02
N LEU B 89 3.22 19.94 2.38
CA LEU B 89 2.16 20.60 1.68
C LEU B 89 0.92 20.58 2.56
N ARG B 90 0.30 21.74 2.72
CA ARG B 90 -0.93 21.91 3.47
C ARG B 90 -1.89 22.76 2.64
N GLY B 91 -3.17 22.45 2.69
CA GLY B 91 -4.22 23.32 2.13
C GLY B 91 -4.76 24.27 3.19
N LEU B 92 -5.24 25.43 2.79
CA LEU B 92 -5.86 26.39 3.72
C LEU B 92 -7.26 26.71 3.21
N ARG B 93 -8.29 26.44 4.03
CA ARG B 93 -9.71 26.68 3.66
C ARG B 93 -10.27 27.94 4.23
N ALA B 94 -9.80 28.32 5.42
CA ALA B 94 -10.41 29.39 6.15
C ALA B 94 -9.38 30.03 7.02
N VAL B 95 -9.73 31.18 7.56
CA VAL B 95 -8.87 31.93 8.45
C VAL B 95 -8.62 31.14 9.72
N SER B 96 -9.65 30.42 10.19
CA SER B 96 -9.54 29.61 11.39
C SER B 96 -8.49 28.50 11.23
N ASP B 97 -8.38 27.95 10.02
CA ASP B 97 -7.29 27.02 9.70
C ASP B 97 -5.91 27.63 9.87
N PHE B 98 -5.74 28.85 9.36
CA PHE B 98 -4.39 29.41 9.20
C PHE B 98 -3.71 29.45 10.56
N ASP B 99 -4.44 29.83 11.58
CA ASP B 99 -3.83 29.97 12.89
C ASP B 99 -3.17 28.68 13.38
N TYR B 100 -3.90 27.57 13.29
CA TYR B 100 -3.35 26.27 13.68
C TYR B 100 -2.21 25.84 12.77
N GLU B 101 -2.36 26.02 11.45
CA GLU B 101 -1.33 25.63 10.51
C GLU B 101 -0.03 26.44 10.68
N PHE B 102 -0.17 27.68 11.11
CA PHE B 102 0.94 28.60 11.28
C PHE B 102 1.75 28.12 12.48
N GLN B 103 1.05 27.84 13.58
CA GLN B 103 1.67 27.27 14.77
C GLN B 103 2.36 25.95 14.45
N LEU B 104 1.68 25.09 13.71
CA LEU B 104 2.24 23.79 13.37
C LEU B 104 3.47 23.89 12.44
N ALA B 105 3.44 24.87 11.54
CA ALA B 105 4.58 25.09 10.65
C ALA B 105 5.77 25.54 11.47
N HIS B 106 5.55 26.39 12.47
CA HIS B 106 6.62 26.84 13.34
C HIS B 106 7.16 25.75 14.25
N MSE B 107 6.29 24.85 14.72
CA MSE B 107 6.70 23.73 15.56
C MSE B 107 7.55 22.75 14.74
O MSE B 107 8.62 22.33 15.18
CB MSE B 107 5.50 23.03 16.21
CG MSE B 107 5.83 21.73 16.93
SE MSE B 107 7.23 21.94 18.30
CE MSE B 107 6.13 22.30 19.89
N ASN B 108 7.11 22.44 13.53
CA ASN B 108 7.84 21.54 12.65
C ASN B 108 9.19 22.12 12.21
N TYR B 109 9.25 23.44 12.02
CA TYR B 109 10.54 24.09 11.72
C TYR B 109 11.51 23.93 12.88
N GLN B 110 11.00 24.04 14.11
CA GLN B 110 11.83 23.87 15.28
C GLN B 110 12.29 22.42 15.39
N LEU B 111 11.39 21.47 15.16
CA LEU B 111 11.75 20.05 15.19
C LEU B 111 12.74 19.69 14.08
N SER B 112 12.62 20.33 12.93
CA SER B 112 13.48 20.03 11.81
C SER B 112 13.53 21.20 10.82
N PRO B 113 14.54 22.07 10.97
CA PRO B 113 14.59 23.27 10.13
C PRO B 113 14.89 23.04 8.65
N GLU B 114 15.23 21.81 8.26
CA GLU B 114 15.47 21.50 6.86
C GLU B 114 14.17 21.26 6.08
N ILE B 115 13.05 21.09 6.79
CA ILE B 115 11.77 20.86 6.14
C ILE B 115 11.01 22.20 6.09
N GLU B 116 10.48 22.50 4.91
CA GLU B 116 9.75 23.73 4.65
C GLU B 116 8.24 23.40 4.54
N THR B 117 7.38 24.23 5.11
CA THR B 117 5.93 24.08 4.92
C THR B 117 5.41 25.10 3.88
N ILE B 118 4.63 24.61 2.91
CA ILE B 118 3.98 25.45 1.95
C ILE B 118 2.47 25.22 1.93
N PHE B 119 1.73 26.26 1.56
CA PHE B 119 0.29 26.24 1.57
C PHE B 119 -0.28 26.62 0.22
N LEU B 120 -1.33 25.93 -0.20
CA LEU B 120 -2.14 26.32 -1.33
C LEU B 120 -3.52 26.68 -0.76
N PRO B 121 -4.11 27.78 -1.24
CA PRO B 121 -5.45 28.10 -0.77
C PRO B 121 -6.50 27.22 -1.44
N ALA B 122 -7.50 26.81 -0.66
CA ALA B 122 -8.66 26.12 -1.21
C ALA B 122 -9.29 27.06 -2.24
N ARG B 123 -9.72 26.49 -3.35
CA ARG B 123 -10.41 27.26 -4.36
C ARG B 123 -11.81 27.60 -3.93
N GLU B 124 -12.34 28.65 -4.52
CA GLU B 124 -13.73 29.01 -4.33
C GLU B 124 -14.52 27.80 -4.85
N GLY B 125 -15.37 27.26 -4.00
CA GLY B 125 -16.13 26.06 -4.33
C GLY B 125 -15.74 24.87 -3.48
N TYR B 126 -14.52 24.88 -2.92
CA TYR B 126 -14.09 23.82 -2.02
C TYR B 126 -13.86 24.33 -0.59
N SER B 127 -13.97 25.64 -0.39
CA SER B 127 -13.56 26.24 0.86
C SER B 127 -14.51 25.87 2.03
N TYR B 128 -15.76 25.56 1.71
CA TYR B 128 -16.73 25.13 2.72
C TYR B 128 -16.86 23.61 2.80
N VAL B 129 -16.11 22.89 1.97
CA VAL B 129 -16.20 21.46 1.94
C VAL B 129 -15.11 20.91 2.85
N SER B 130 -15.47 20.64 4.09
CA SER B 130 -14.56 20.03 5.05
C SER B 130 -15.07 18.61 5.37
N GLY B 131 -14.18 17.75 5.82
CA GLY B 131 -14.50 16.36 6.10
C GLY B 131 -15.64 16.18 7.09
N THR B 132 -15.63 16.97 8.16
CA THR B 132 -16.65 16.91 9.20
C THR B 132 -18.01 17.28 8.64
N MSE B 133 -18.00 18.33 7.82
CA MSE B 133 -19.16 18.79 7.06
C MSE B 133 -19.72 17.60 6.27
O MSE B 133 -20.89 17.25 6.40
CB MSE B 133 -18.72 19.91 6.12
CG MSE B 133 -19.78 20.76 5.47
SE MSE B 133 -20.31 22.23 6.63
CE MSE B 133 -21.75 21.29 7.55
N VAL B 134 -18.84 16.97 5.48
CA VAL B 134 -19.23 15.84 4.64
C VAL B 134 -19.71 14.65 5.47
N ARG B 135 -18.99 14.34 6.54
CA ARG B 135 -19.40 13.25 7.44
C ARG B 135 -20.79 13.48 8.01
N GLU B 136 -21.07 14.72 8.41
CA GLU B 136 -22.38 15.05 8.95
C GLU B 136 -23.48 14.88 7.91
N ILE B 137 -23.22 15.27 6.66
CA ILE B 137 -24.21 15.10 5.59
C ILE B 137 -24.57 13.63 5.38
N VAL B 138 -23.54 12.77 5.36
CA VAL B 138 -23.71 11.33 5.22
C VAL B 138 -24.53 10.78 6.38
N THR B 139 -24.13 11.11 7.60
CA THR B 139 -24.87 10.74 8.81
C THR B 139 -26.36 11.02 8.69
N LEU B 140 -26.70 12.21 8.18
CA LEU B 140 -28.09 12.66 8.06
C LEU B 140 -28.74 12.18 6.76
N GLY B 141 -28.04 11.33 6.01
CA GLY B 141 -28.62 10.66 4.85
C GLY B 141 -28.65 11.52 3.59
N GLY B 142 -27.78 12.53 3.55
CA GLY B 142 -27.69 13.41 2.38
C GLY B 142 -26.74 12.84 1.35
N ASP B 143 -26.76 13.41 0.15
CA ASP B 143 -25.90 12.96 -0.92
C ASP B 143 -24.63 13.79 -0.92
N VAL B 144 -23.51 13.13 -0.64
CA VAL B 144 -22.20 13.78 -0.66
C VAL B 144 -21.45 13.59 -1.96
N SER B 145 -22.10 12.99 -2.97
CA SER B 145 -21.50 12.77 -4.29
C SER B 145 -20.83 14.00 -4.91
N PRO B 146 -21.45 15.19 -4.76
CA PRO B 146 -20.82 16.39 -5.31
C PRO B 146 -19.50 16.79 -4.68
N PHE B 147 -19.18 16.24 -3.51
CA PHE B 147 -18.09 16.76 -2.70
C PHE B 147 -16.88 15.85 -2.58
N VAL B 148 -17.06 14.56 -2.88
CA VAL B 148 -16.00 13.59 -2.69
C VAL B 148 -15.90 12.74 -3.94
N PRO B 149 -14.74 12.11 -4.16
CA PRO B 149 -14.59 11.24 -5.32
C PRO B 149 -15.53 10.03 -5.27
N PRO B 150 -16.04 9.61 -6.43
CA PRO B 150 -16.98 8.50 -6.52
C PRO B 150 -16.67 7.26 -5.67
N LEU B 151 -15.40 6.88 -5.54
CA LEU B 151 -15.10 5.67 -4.76
C LEU B 151 -15.32 5.92 -3.28
N VAL B 152 -14.95 7.13 -2.83
CA VAL B 152 -15.18 7.56 -1.45
C VAL B 152 -16.67 7.60 -1.18
N ALA B 153 -17.43 8.16 -2.12
CA ALA B 153 -18.88 8.29 -1.98
C ALA B 153 -19.55 6.93 -1.78
N ARG B 154 -19.18 5.96 -2.62
CA ARG B 154 -19.68 4.59 -2.50
C ARG B 154 -19.35 4.06 -1.12
N HIS B 155 -18.10 4.26 -0.71
CA HIS B 155 -17.62 3.70 0.55
C HIS B 155 -18.40 4.26 1.74
N LEU B 156 -18.71 5.56 1.70
CA LEU B 156 -19.41 6.23 2.80
C LEU B 156 -20.87 5.80 2.95
N GLN B 157 -21.53 5.42 1.85
CA GLN B 157 -22.86 4.81 1.90
C GLN B 157 -22.81 3.38 2.48
N LYS B 158 -21.63 2.76 2.42
CA LYS B 158 -21.32 1.44 2.98
C LYS B 158 -21.98 0.32 2.16
N MSE C 4 -12.91 -11.48 11.07
CA MSE C 4 -12.90 -12.95 11.39
C MSE C 4 -12.83 -13.76 10.10
O MSE C 4 -11.89 -14.52 9.90
CB MSE C 4 -14.15 -13.32 12.21
CG MSE C 4 -14.13 -14.74 12.80
SE MSE C 4 -14.85 -14.81 14.66
CE MSE C 4 -16.63 -14.02 14.35
N LYS C 5 -13.82 -13.58 9.21
CA LYS C 5 -13.79 -14.23 7.90
C LYS C 5 -12.79 -13.50 6.99
N PRO C 6 -12.22 -14.23 6.02
CA PRO C 6 -11.25 -13.64 5.11
C PRO C 6 -11.85 -12.71 4.08
N ILE C 7 -10.98 -12.13 3.27
CA ILE C 7 -11.39 -11.24 2.20
C ILE C 7 -10.97 -11.86 0.90
N ALA C 8 -11.83 -11.75 -0.11
CA ALA C 8 -11.55 -12.25 -1.45
C ALA C 8 -11.50 -11.15 -2.50
N ILE C 9 -10.67 -11.34 -3.50
CA ILE C 9 -10.68 -10.54 -4.72
C ILE C 9 -11.37 -11.33 -5.83
N TYR C 10 -12.33 -10.69 -6.51
CA TYR C 10 -12.98 -11.24 -7.69
C TYR C 10 -12.61 -10.37 -8.88
N PRO C 11 -11.55 -10.77 -9.63
CA PRO C 11 -11.09 -9.98 -10.75
C PRO C 11 -11.85 -10.27 -12.03
N GLY C 12 -11.94 -9.27 -12.90
CA GLY C 12 -12.54 -9.45 -14.21
C GLY C 12 -12.45 -8.17 -14.99
N THR C 13 -12.84 -8.22 -16.26
CA THR C 13 -13.00 -7.03 -17.06
C THR C 13 -14.42 -6.54 -17.02
N PHE C 14 -15.37 -7.46 -16.83
CA PHE C 14 -16.76 -7.09 -16.63
C PHE C 14 -17.26 -6.17 -17.74
N ASP C 15 -17.07 -6.61 -18.98
CA ASP C 15 -17.34 -5.81 -20.14
C ASP C 15 -18.24 -6.57 -21.08
N PRO C 16 -19.53 -6.71 -20.73
CA PRO C 16 -20.20 -6.19 -19.56
C PRO C 16 -20.27 -7.14 -18.39
N LEU C 17 -20.66 -6.61 -17.25
CA LEU C 17 -21.10 -7.38 -16.11
C LEU C 17 -22.36 -8.16 -16.47
N THR C 18 -22.36 -9.47 -16.24
CA THR C 18 -23.45 -10.36 -16.59
C THR C 18 -24.08 -10.89 -15.32
N ASN C 19 -25.25 -11.50 -15.45
CA ASN C 19 -25.92 -12.13 -14.33
C ASN C 19 -25.08 -13.26 -13.72
N GLY C 20 -24.31 -13.96 -14.55
CA GLY C 20 -23.38 -14.98 -14.06
C GLY C 20 -22.33 -14.42 -13.12
N HIS C 21 -21.79 -13.23 -13.42
CA HIS C 21 -20.82 -12.56 -12.53
C HIS C 21 -21.46 -12.27 -11.18
N VAL C 22 -22.64 -11.66 -11.22
CA VAL C 22 -23.41 -11.37 -10.01
C VAL C 22 -23.70 -12.65 -9.21
N ASP C 23 -24.11 -13.71 -9.88
CA ASP C 23 -24.43 -14.96 -9.21
C ASP C 23 -23.24 -15.55 -8.47
N ILE C 24 -22.05 -15.48 -9.06
CA ILE C 24 -20.84 -15.98 -8.42
C ILE C 24 -20.53 -15.16 -7.17
N ILE C 25 -20.60 -13.83 -7.29
CA ILE C 25 -20.39 -12.95 -6.13
C ILE C 25 -21.36 -13.32 -5.01
N GLU C 26 -22.66 -13.39 -5.33
CA GLU C 26 -23.69 -13.68 -4.34
C GLU C 26 -23.45 -14.99 -3.62
N ARG C 27 -23.04 -16.01 -4.36
CA ARG C 27 -22.85 -17.33 -3.81
C ARG C 27 -21.58 -17.46 -2.98
N ALA C 28 -20.54 -16.69 -3.31
CA ALA C 28 -19.31 -16.68 -2.52
C ALA C 28 -19.41 -15.89 -1.21
N LEU C 29 -20.32 -14.93 -1.15
CA LEU C 29 -20.38 -13.97 -0.06
C LEU C 29 -20.36 -14.56 1.36
N PRO C 30 -21.10 -15.66 1.59
CA PRO C 30 -21.10 -16.27 2.92
C PRO C 30 -19.75 -16.77 3.44
N LEU C 31 -18.78 -16.97 2.56
CA LEU C 31 -17.43 -17.39 2.97
C LEU C 31 -16.51 -16.23 3.39
N PHE C 32 -16.86 -14.99 3.02
CA PHE C 32 -15.93 -13.87 3.13
C PHE C 32 -16.50 -12.67 3.87
N ASN C 33 -15.63 -12.00 4.62
CA ASN C 33 -15.99 -10.75 5.27
C ASN C 33 -16.33 -9.73 4.20
N LYS C 34 -15.57 -9.75 3.11
CA LYS C 34 -15.72 -8.79 2.04
C LYS C 34 -15.27 -9.42 0.73
N ILE C 35 -15.92 -9.05 -0.36
CA ILE C 35 -15.44 -9.38 -1.70
C ILE C 35 -15.11 -8.09 -2.44
N ILE C 36 -13.87 -7.93 -2.84
CA ILE C 36 -13.46 -6.83 -3.70
C ILE C 36 -13.60 -7.26 -5.14
N VAL C 37 -14.48 -6.57 -5.89
CA VAL C 37 -14.63 -6.83 -7.33
C VAL C 37 -13.65 -5.94 -8.06
N ALA C 38 -12.65 -6.54 -8.67
CA ALA C 38 -11.53 -5.81 -9.23
C ALA C 38 -11.65 -5.77 -10.74
N CYS C 39 -11.91 -4.57 -11.26
CA CYS C 39 -12.13 -4.37 -12.69
CA CYS C 39 -12.14 -4.38 -12.69
C CYS C 39 -10.84 -4.00 -13.40
N ALA C 40 -10.35 -4.91 -14.25
CA ALA C 40 -9.15 -4.69 -15.04
C ALA C 40 -9.53 -3.97 -16.33
N PRO C 41 -8.56 -3.29 -16.97
CA PRO C 41 -8.83 -2.64 -18.25
C PRO C 41 -9.18 -3.65 -19.33
N THR C 42 -10.09 -3.27 -20.22
CA THR C 42 -10.63 -4.18 -21.22
C THR C 42 -9.68 -4.42 -22.40
N LYS C 50 -14.97 3.67 -20.59
CA LYS C 50 -13.95 4.09 -19.63
C LYS C 50 -14.06 3.24 -18.36
N LEU C 51 -12.90 2.94 -17.78
CA LEU C 51 -12.81 2.10 -16.60
C LEU C 51 -13.55 2.71 -15.41
N GLU C 52 -13.45 4.02 -15.25
CA GLU C 52 -14.07 4.75 -14.14
C GLU C 52 -15.59 4.60 -14.21
N GLU C 53 -16.15 4.72 -15.41
CA GLU C 53 -17.58 4.58 -15.62
C GLU C 53 -18.04 3.15 -15.40
N ARG C 54 -17.25 2.19 -15.82
CA ARG C 54 -17.59 0.78 -15.61
C ARG C 54 -17.60 0.46 -14.14
N VAL C 55 -16.57 0.90 -13.42
CA VAL C 55 -16.50 0.67 -11.98
C VAL C 55 -17.75 1.18 -11.28
N ASN C 56 -18.18 2.39 -11.60
CA ASN C 56 -19.36 2.95 -10.94
C ASN C 56 -20.67 2.30 -11.35
N LEU C 57 -20.79 1.86 -12.61
CA LEU C 57 -21.96 1.10 -13.05
C LEU C 57 -22.04 -0.20 -12.26
N ILE C 58 -20.91 -0.87 -12.13
CA ILE C 58 -20.86 -2.14 -11.41
C ILE C 58 -21.20 -1.92 -9.94
N ALA C 59 -20.68 -0.84 -9.36
CA ALA C 59 -20.96 -0.48 -7.97
C ALA C 59 -22.43 -0.12 -7.77
N ASP C 60 -23.06 0.50 -8.77
CA ASP C 60 -24.51 0.74 -8.78
C ASP C 60 -25.30 -0.56 -8.73
N VAL C 61 -24.79 -1.59 -9.39
CA VAL C 61 -25.47 -2.87 -9.46
C VAL C 61 -25.27 -3.67 -8.18
N LEU C 62 -24.04 -3.69 -7.68
CA LEU C 62 -23.69 -4.52 -6.53
C LEU C 62 -23.93 -3.78 -5.22
N THR C 63 -25.15 -3.86 -4.71
CA THR C 63 -25.58 -3.05 -3.56
C THR C 63 -25.21 -3.62 -2.20
N ASP C 64 -24.85 -4.91 -2.12
CA ASP C 64 -24.50 -5.54 -0.85
C ASP C 64 -23.33 -4.83 -0.16
N GLU C 65 -23.48 -4.59 1.15
CA GLU C 65 -22.49 -3.87 1.97
C GLU C 65 -21.11 -4.53 1.94
N ARG C 66 -21.09 -5.84 1.79
CA ARG C 66 -19.84 -6.59 1.81
C ARG C 66 -19.10 -6.56 0.46
N VAL C 67 -19.67 -5.88 -0.53
CA VAL C 67 -19.06 -5.81 -1.85
C VAL C 67 -18.50 -4.42 -2.12
N GLU C 68 -17.22 -4.38 -2.46
CA GLU C 68 -16.50 -3.17 -2.78
C GLU C 68 -16.01 -3.34 -4.23
N VAL C 69 -16.27 -2.35 -5.09
CA VAL C 69 -15.81 -2.40 -6.47
C VAL C 69 -14.69 -1.41 -6.65
N LEU C 70 -13.55 -1.88 -7.12
CA LEU C 70 -12.38 -1.04 -7.36
C LEU C 70 -11.80 -1.26 -8.75
N PRO C 71 -11.05 -0.27 -9.27
CA PRO C 71 -10.27 -0.52 -10.47
C PRO C 71 -9.03 -1.33 -10.12
N LEU C 72 -8.70 -2.32 -10.95
CA LEU C 72 -7.51 -3.14 -10.75
C LEU C 72 -6.33 -2.50 -11.45
N THR C 73 -5.35 -2.04 -10.68
CA THR C 73 -4.09 -1.59 -11.21
C THR C 73 -3.01 -2.59 -10.83
N GLY C 74 -2.07 -2.84 -11.74
CA GLY C 74 -0.91 -3.68 -11.43
C GLY C 74 -1.24 -5.16 -11.38
N LEU C 75 -0.34 -5.93 -10.77
CA LEU C 75 -0.49 -7.38 -10.62
C LEU C 75 -1.58 -7.76 -9.64
N LEU C 76 -2.42 -8.73 -10.02
CA LEU C 76 -3.48 -9.18 -9.15
C LEU C 76 -3.00 -9.55 -7.76
N VAL C 77 -1.92 -10.32 -7.66
CA VAL C 77 -1.46 -10.76 -6.32
C VAL C 77 -0.94 -9.59 -5.48
N ASP C 78 -0.37 -8.58 -6.12
CA ASP C 78 0.02 -7.34 -5.43
C ASP C 78 -1.21 -6.58 -4.91
N PHE C 79 -2.19 -6.39 -5.78
CA PHE C 79 -3.47 -5.77 -5.43
C PHE C 79 -4.14 -6.51 -4.28
N ALA C 80 -4.13 -7.83 -4.35
CA ALA C 80 -4.74 -8.65 -3.32
C ALA C 80 -4.06 -8.43 -1.99
N LYS C 81 -2.72 -8.49 -1.99
CA LYS C 81 -1.95 -8.35 -0.77
C LYS C 81 -2.18 -6.99 -0.14
N THR C 82 -2.16 -5.94 -0.96
CA THR C 82 -2.28 -4.58 -0.46
C THR C 82 -3.71 -4.30 0.04
N HIS C 83 -4.68 -5.02 -0.50
CA HIS C 83 -6.06 -4.88 -0.01
C HIS C 83 -6.42 -5.98 1.00
N GLN C 84 -5.40 -6.63 1.54
CA GLN C 84 -5.52 -7.64 2.60
C GLN C 84 -6.43 -8.80 2.23
N ALA C 85 -6.40 -9.21 0.97
CA ALA C 85 -7.23 -10.32 0.51
C ALA C 85 -6.38 -11.55 0.32
N ASN C 86 -6.74 -12.63 1.03
CA ASN C 86 -6.03 -13.91 0.99
C ASN C 86 -6.58 -14.90 -0.01
N PHE C 87 -7.71 -14.57 -0.65
CA PHE C 87 -8.35 -15.42 -1.63
C PHE C 87 -8.65 -14.68 -2.91
N ILE C 88 -8.41 -15.37 -4.03
CA ILE C 88 -8.86 -14.93 -5.33
C ILE C 88 -10.04 -15.81 -5.70
N LEU C 89 -11.16 -15.20 -6.06
CA LEU C 89 -12.36 -15.94 -6.46
C LEU C 89 -12.45 -15.95 -7.97
N ARG C 90 -12.70 -17.12 -8.54
CA ARG C 90 -12.96 -17.23 -9.96
C ARG C 90 -14.19 -18.11 -10.20
N GLY C 91 -14.95 -17.82 -11.25
CA GLY C 91 -16.03 -18.68 -11.68
C GLY C 91 -15.53 -19.59 -12.79
N LEU C 92 -16.07 -20.80 -12.87
CA LEU C 92 -15.77 -21.75 -13.94
C LEU C 92 -17.03 -22.09 -14.72
N ARG C 93 -17.08 -21.68 -15.98
CA ARG C 93 -18.24 -21.93 -16.84
C ARG C 93 -18.10 -23.19 -17.64
N ALA C 94 -16.89 -23.47 -18.11
CA ALA C 94 -16.67 -24.55 -19.07
C ALA C 94 -15.35 -25.23 -18.84
N VAL C 95 -15.16 -26.37 -19.49
CA VAL C 95 -13.92 -27.11 -19.42
C VAL C 95 -12.76 -26.28 -19.96
N SER C 96 -12.99 -25.55 -21.05
CA SER C 96 -11.96 -24.68 -21.64
C SER C 96 -11.49 -23.59 -20.65
N ASP C 97 -12.41 -23.09 -19.84
CA ASP C 97 -12.07 -22.19 -18.71
C ASP C 97 -11.07 -22.79 -17.75
N PHE C 98 -11.26 -24.07 -17.42
CA PHE C 98 -10.50 -24.72 -16.36
C PHE C 98 -9.02 -24.68 -16.67
N ASP C 99 -8.64 -25.05 -17.87
CA ASP C 99 -7.22 -25.14 -18.21
C ASP C 99 -6.51 -23.82 -17.94
N TYR C 100 -7.08 -22.74 -18.43
CA TYR C 100 -6.49 -21.43 -18.29
C TYR C 100 -6.45 -20.98 -16.83
N GLU C 101 -7.55 -21.21 -16.12
CA GLU C 101 -7.65 -20.83 -14.71
C GLU C 101 -6.72 -21.65 -13.81
N PHE C 102 -6.50 -22.90 -14.19
CA PHE C 102 -5.61 -23.80 -13.46
C PHE C 102 -4.17 -23.27 -13.56
N GLN C 103 -3.74 -22.94 -14.76
CA GLN C 103 -2.40 -22.41 -14.98
C GLN C 103 -2.22 -21.12 -14.24
N LEU C 104 -3.21 -20.26 -14.34
CA LEU C 104 -3.17 -18.96 -13.70
C LEU C 104 -3.11 -19.05 -12.17
N ALA C 105 -3.84 -20.00 -11.60
CA ALA C 105 -3.77 -20.23 -10.15
C ALA C 105 -2.37 -20.66 -9.74
N HIS C 106 -1.76 -21.54 -10.55
CA HIS C 106 -0.41 -22.01 -10.26
C HIS C 106 0.63 -20.90 -10.40
N MSE C 107 0.46 -20.04 -11.40
CA MSE C 107 1.35 -18.90 -11.61
C MSE C 107 1.22 -17.95 -10.43
O MSE C 107 2.23 -17.51 -9.90
CB MSE C 107 1.05 -18.17 -12.93
CG MSE C 107 1.89 -16.90 -13.14
SE MSE C 107 3.83 -17.21 -12.85
CE MSE C 107 4.42 -17.61 -14.69
N ASN C 108 -0.01 -17.64 -10.04
CA ASN C 108 -0.22 -16.74 -8.92
C ASN C 108 0.30 -17.29 -7.60
N TYR C 109 0.24 -18.60 -7.44
CA TYR C 109 0.80 -19.25 -6.26
C TYR C 109 2.31 -19.09 -6.17
N GLN C 110 3.00 -19.19 -7.31
CA GLN C 110 4.44 -18.96 -7.33
C GLN C 110 4.78 -17.52 -7.05
N LEU C 111 3.99 -16.60 -7.61
CA LEU C 111 4.19 -15.18 -7.37
C LEU C 111 3.91 -14.82 -5.91
N SER C 112 2.91 -15.46 -5.30
CA SER C 112 2.51 -15.11 -3.96
C SER C 112 1.86 -16.29 -3.26
N PRO C 113 2.67 -17.12 -2.58
CA PRO C 113 2.19 -18.35 -1.94
C PRO C 113 1.12 -18.16 -0.86
N GLU C 114 1.07 -16.98 -0.25
CA GLU C 114 0.09 -16.69 0.80
C GLU C 114 -1.33 -16.44 0.28
N ILE C 115 -1.53 -16.38 -1.04
CA ILE C 115 -2.86 -16.14 -1.63
C ILE C 115 -3.41 -17.46 -2.24
N GLU C 116 -4.64 -17.83 -1.87
CA GLU C 116 -5.31 -19.01 -2.43
C GLU C 116 -6.23 -18.59 -3.54
N THR C 117 -6.42 -19.47 -4.51
CA THR C 117 -7.46 -19.32 -5.50
C THR C 117 -8.56 -20.35 -5.23
N ILE C 118 -9.81 -19.90 -5.20
CA ILE C 118 -10.94 -20.81 -5.16
C ILE C 118 -11.88 -20.58 -6.32
N PHE C 119 -12.60 -21.63 -6.69
CA PHE C 119 -13.51 -21.61 -7.80
C PHE C 119 -14.92 -22.03 -7.39
N LEU C 120 -15.91 -21.30 -7.88
CA LEU C 120 -17.28 -21.76 -7.82
C LEU C 120 -17.66 -22.14 -9.25
N PRO C 121 -18.44 -23.23 -9.40
CA PRO C 121 -18.90 -23.54 -10.74
C PRO C 121 -20.08 -22.65 -11.12
N ALA C 122 -20.12 -22.19 -12.36
CA ALA C 122 -21.31 -21.51 -12.87
C ALA C 122 -22.48 -22.45 -12.72
N ARG C 123 -23.64 -21.93 -12.28
CA ARG C 123 -24.85 -22.76 -12.20
C ARG C 123 -25.41 -22.98 -13.60
N GLU C 124 -26.24 -24.02 -13.75
CA GLU C 124 -27.02 -24.20 -14.98
C GLU C 124 -27.88 -22.97 -15.21
N GLY C 125 -27.74 -22.37 -16.38
CA GLY C 125 -28.41 -21.13 -16.68
C GLY C 125 -27.39 -20.09 -17.10
N TYR C 126 -26.22 -20.11 -16.46
CA TYR C 126 -25.19 -19.09 -16.69
C TYR C 126 -23.93 -19.59 -17.40
N SER C 127 -23.88 -20.87 -17.75
CA SER C 127 -22.64 -21.44 -18.31
C SER C 127 -22.32 -20.92 -19.73
N TYR C 128 -23.36 -20.53 -20.48
CA TYR C 128 -23.20 -20.05 -21.88
C TYR C 128 -23.07 -18.52 -21.99
N VAL C 129 -23.25 -17.81 -20.89
CA VAL C 129 -23.28 -16.36 -20.95
C VAL C 129 -21.90 -15.81 -20.64
N SER C 130 -21.14 -15.50 -21.68
CA SER C 130 -19.83 -14.90 -21.54
C SER C 130 -19.87 -13.49 -22.11
N GLY C 131 -18.97 -12.64 -21.63
CA GLY C 131 -18.87 -11.25 -22.09
C GLY C 131 -18.77 -11.13 -23.60
N THR C 132 -17.84 -11.89 -24.20
CA THR C 132 -17.60 -11.88 -25.65
C THR C 132 -18.85 -12.31 -26.39
N MSE C 133 -19.52 -13.31 -25.83
CA MSE C 133 -20.79 -13.81 -26.34
C MSE C 133 -21.81 -12.68 -26.32
O MSE C 133 -22.45 -12.37 -27.32
CB MSE C 133 -21.24 -15.00 -25.48
CG MSE C 133 -22.48 -15.75 -25.91
SE MSE C 133 -22.03 -17.12 -27.20
CE MSE C 133 -22.17 -16.04 -28.83
N VAL C 134 -21.94 -12.03 -25.16
CA VAL C 134 -22.88 -10.91 -25.00
C VAL C 134 -22.49 -9.70 -25.87
N ARG C 135 -21.19 -9.47 -26.00
CA ARG C 135 -20.69 -8.32 -26.77
C ARG C 135 -20.97 -8.46 -28.25
N GLU C 136 -20.76 -9.66 -28.78
CA GLU C 136 -21.08 -9.94 -30.18
C GLU C 136 -22.57 -9.74 -30.45
N ILE C 137 -23.40 -10.13 -29.49
CA ILE C 137 -24.85 -9.99 -29.62
C ILE C 137 -25.26 -8.52 -29.63
N VAL C 138 -24.60 -7.71 -28.81
CA VAL C 138 -24.84 -6.27 -28.75
C VAL C 138 -24.51 -5.66 -30.10
N THR C 139 -23.30 -5.95 -30.59
CA THR C 139 -22.82 -5.48 -31.89
C THR C 139 -23.82 -5.74 -33.01
N LEU C 140 -24.39 -6.95 -33.05
CA LEU C 140 -25.31 -7.35 -34.13
C LEU C 140 -26.75 -6.87 -33.90
N GLY C 141 -26.99 -6.13 -32.82
CA GLY C 141 -28.30 -5.57 -32.52
C GLY C 141 -29.22 -6.53 -31.80
N GLY C 142 -28.65 -7.32 -30.88
CA GLY C 142 -29.42 -8.33 -30.17
C GLY C 142 -29.87 -7.86 -28.81
N ASP C 143 -31.00 -8.40 -28.34
CA ASP C 143 -31.52 -8.10 -27.01
C ASP C 143 -30.75 -8.91 -25.99
N VAL C 144 -30.01 -8.20 -25.14
CA VAL C 144 -29.13 -8.79 -24.15
C VAL C 144 -29.67 -8.70 -22.71
N SER C 145 -30.85 -8.10 -22.56
CA SER C 145 -31.50 -7.91 -21.26
C SER C 145 -31.65 -9.15 -20.39
N PRO C 146 -31.92 -10.33 -20.99
CA PRO C 146 -32.06 -11.50 -20.12
C PRO C 146 -30.75 -11.97 -19.48
N PHE C 147 -29.62 -11.42 -19.92
CA PHE C 147 -28.29 -11.92 -19.52
C PHE C 147 -27.50 -11.01 -18.59
N VAL C 148 -27.90 -9.74 -18.49
CA VAL C 148 -27.16 -8.76 -17.70
C VAL C 148 -28.13 -8.07 -16.77
N PRO C 149 -27.63 -7.48 -15.68
CA PRO C 149 -28.50 -6.73 -14.80
C PRO C 149 -29.18 -5.54 -15.49
N PRO C 150 -30.41 -5.21 -15.04
CA PRO C 150 -31.18 -4.07 -15.54
C PRO C 150 -30.36 -2.82 -15.86
N LEU C 151 -29.54 -2.35 -14.92
CA LEU C 151 -28.79 -1.13 -15.17
C LEU C 151 -27.82 -1.32 -16.35
N VAL C 152 -27.22 -2.50 -16.43
CA VAL C 152 -26.26 -2.77 -17.51
C VAL C 152 -26.98 -2.74 -18.86
N ALA C 153 -28.17 -3.35 -18.90
CA ALA C 153 -29.01 -3.35 -20.09
C ALA C 153 -29.30 -1.93 -20.57
N ARG C 154 -29.70 -1.03 -19.66
CA ARG C 154 -29.94 0.39 -20.00
C ARG C 154 -28.76 0.99 -20.73
N HIS C 155 -27.59 0.74 -20.16
CA HIS C 155 -26.35 1.35 -20.62
C HIS C 155 -25.94 0.84 -22.00
N LEU C 156 -26.14 -0.46 -22.25
CA LEU C 156 -25.88 -1.03 -23.57
C LEU C 156 -26.89 -0.51 -24.59
N GLN C 157 -28.09 -0.18 -24.12
CA GLN C 157 -29.18 0.44 -24.90
C GLN C 157 -29.85 -0.58 -25.81
CA CA D . -2.84 5.11 -7.05
#